data_8DU3
#
_entry.id   8DU3
#
_cell.length_a   39.600
_cell.length_b   179.800
_cell.length_c   141.000
_cell.angle_alpha   90.000
_cell.angle_beta   90.000
_cell.angle_gamma   90.000
#
_symmetry.space_group_name_H-M   'C 2 2 21'
#
loop_
_entity.id
_entity.type
_entity.pdbx_description
1 polymer 'Adenosine receptor A2a, soluble cytochrome b562 chimera,Soluble cytochrome b562,Adenosine receptor A2a'
2 non-polymer (4M)-6-bromo-4-(furan-2-yl)quinazolin-2-amine
3 non-polymer CHOLESTEROL
4 non-polymer '(2R)-2,3-dihydroxypropyl (9Z)-octadec-9-enoate'
5 non-polymer 'OLEIC ACID'
6 water water
#
_entity_poly.entity_id   1
_entity_poly.type   'polypeptide(L)'
_entity_poly.pdbx_seq_one_letter_code
;MKTIIALSYIFCLVFADYKDDDDGAPPIMGSSVYITVELAIAVLAILGNVLVCWAVWLNSNLQNVTNYFVVSLAAADILV
GVLAIPFAITISTGFCAACHGCLFIACFVLVLAQSSIFSLLAIAIDRYIAIAIPLRYNGLVTGTRAAGIIAICWVLSFAI
GLTPMLGWNNCGQPKEGKAHSQGCGEGQVACLFEDVVPMNYMVYFNFFACVLVPLLLMLGVYLRIFAAARRQLADLEDNW
ETLNDNLKVIEKADNAAQVKDALTKMRAAALDAQKATPPKLEDKSPDSPEMKDFRHGFDILVGQIDDALKLANEGKVKEA
QAAAEQLKTTRNAYIQKYLERARSTLQKEVHAAKSAAIIAGLFALCWLPLHIINCFTFFCPDCSHAPLWLMYLAIVLAHT
NSVVNPFIYAYRIREFRQTFRKIIRSHVLRQQEPFKAHHHHHHHHHH
;
_entity_poly.pdbx_strand_id   A
#
loop_
_chem_comp.id
_chem_comp.type
_chem_comp.name
_chem_comp.formula
CLR non-polymer CHOLESTEROL 'C27 H46 O'
OLA non-polymer 'OLEIC ACID' 'C18 H34 O2'
OLC non-polymer '(2R)-2,3-dihydroxypropyl (9Z)-octadec-9-enoate' 'C21 H40 O4'
TKO non-polymer (4M)-6-bromo-4-(furan-2-yl)quinazolin-2-amine 'C12 H8 Br N3 O'
#
# COMPACT_ATOMS: atom_id res chain seq x y z
N ALA A 25 -5.86 33.37 28.87
CA ALA A 25 -5.92 32.21 29.82
C ALA A 25 -4.55 31.58 29.97
N PRO A 26 -4.31 30.88 31.08
CA PRO A 26 -3.01 30.23 31.30
C PRO A 26 -2.70 29.26 30.18
N PRO A 27 -1.47 29.26 29.66
CA PRO A 27 -1.12 28.31 28.61
C PRO A 27 -1.04 26.87 29.08
N ILE A 28 -0.85 26.64 30.38
CA ILE A 28 -0.75 25.27 30.88
C ILE A 28 -2.06 24.51 30.73
N MET A 29 -3.19 25.22 30.66
CA MET A 29 -4.48 24.55 30.55
C MET A 29 -4.72 24.04 29.13
N GLY A 30 -4.57 24.90 28.14
CA GLY A 30 -4.72 24.46 26.76
C GLY A 30 -3.67 23.45 26.35
N SER A 31 -2.47 23.55 26.91
CA SER A 31 -1.44 22.57 26.61
C SER A 31 -1.68 21.25 27.32
N SER A 32 -2.37 21.26 28.45
CA SER A 32 -2.70 20.02 29.15
C SER A 32 -3.63 19.15 28.30
N VAL A 33 -4.61 19.77 27.64
CA VAL A 33 -5.48 19.02 26.73
C VAL A 33 -4.66 18.43 25.59
N TYR A 34 -3.83 19.26 24.95
CA TYR A 34 -3.01 18.79 23.85
C TYR A 34 -2.08 17.65 24.31
N ILE A 35 -1.44 17.83 25.46
CA ILE A 35 -0.51 16.81 25.95
C ILE A 35 -1.26 15.53 26.30
N THR A 36 -2.41 15.64 26.96
CA THR A 36 -3.17 14.46 27.34
C THR A 36 -3.62 13.68 26.10
N VAL A 37 -4.03 14.40 25.04
CA VAL A 37 -4.45 13.72 23.82
C VAL A 37 -3.25 13.05 23.14
N GLU A 38 -2.11 13.74 23.11
CA GLU A 38 -0.91 13.16 22.52
C GLU A 38 -0.53 11.86 23.21
N LEU A 39 -0.56 11.84 24.55
CA LEU A 39 -0.18 10.64 25.29
C LEU A 39 -1.17 9.51 25.05
N ALA A 40 -2.46 9.82 24.94
CA ALA A 40 -3.44 8.79 24.62
C ALA A 40 -3.16 8.18 23.26
N ILE A 41 -2.79 9.02 22.29
CA ILE A 41 -2.46 8.51 20.95
C ILE A 41 -1.22 7.63 21.00
N ALA A 42 -0.20 8.06 21.74
CA ALA A 42 1.02 7.26 21.83
C ALA A 42 0.72 5.87 22.35
N VAL A 43 -0.11 5.76 23.40
CA VAL A 43 -0.44 4.46 23.97
C VAL A 43 -1.09 3.57 22.91
N LEU A 44 -2.08 4.12 22.19
CA LEU A 44 -2.77 3.33 21.18
C LEU A 44 -1.83 2.98 20.02
N ALA A 45 -0.95 3.90 19.63
CA ALA A 45 -0.02 3.64 18.54
C ALA A 45 0.93 2.50 18.89
N ILE A 46 1.37 2.44 20.15
CA ILE A 46 2.29 1.39 20.57
C ILE A 46 1.55 0.05 20.68
N LEU A 47 0.39 0.06 21.34
CA LEU A 47 -0.35 -1.18 21.54
C LEU A 47 -0.74 -1.82 20.22
N GLY A 48 -1.41 -1.05 19.36
CA GLY A 48 -1.90 -1.63 18.12
C GLY A 48 -0.80 -2.15 17.22
N ASN A 49 0.26 -1.38 17.07
CA ASN A 49 1.31 -1.76 16.13
C ASN A 49 2.25 -2.81 16.71
N VAL A 50 2.41 -2.85 18.03
CA VAL A 50 3.12 -3.99 18.62
C VAL A 50 2.38 -5.28 18.33
N LEU A 51 1.05 -5.21 18.23
CA LEU A 51 0.27 -6.40 17.93
C LEU A 51 0.47 -6.83 16.48
N VAL A 52 0.59 -5.88 15.56
CA VAL A 52 0.85 -6.22 14.17
C VAL A 52 2.17 -6.98 14.04
N CYS A 53 3.21 -6.48 14.71
CA CYS A 53 4.51 -7.14 14.65
C CYS A 53 4.46 -8.51 15.30
N TRP A 54 3.77 -8.62 16.45
CA TRP A 54 3.66 -9.90 17.12
C TRP A 54 2.86 -10.90 16.31
N ALA A 55 1.93 -10.42 15.48
CA ALA A 55 1.17 -11.32 14.63
C ALA A 55 2.01 -11.86 13.48
N VAL A 56 2.82 -10.99 12.85
CA VAL A 56 3.67 -11.43 11.75
C VAL A 56 4.79 -12.33 12.26
N TRP A 57 5.24 -12.11 13.49
CA TRP A 57 6.31 -12.95 14.03
C TRP A 57 5.84 -14.39 14.24
N LEU A 58 4.61 -14.57 14.70
CA LEU A 58 4.11 -15.90 15.06
C LEU A 58 3.54 -16.66 13.87
N ASN A 59 2.63 -16.03 13.12
CA ASN A 59 1.92 -16.73 12.06
C ASN A 59 2.76 -16.75 10.79
N SER A 60 2.98 -17.95 10.24
CA SER A 60 3.78 -18.11 9.03
C SER A 60 3.02 -17.72 7.77
N ASN A 61 1.68 -17.77 7.79
CA ASN A 61 0.92 -17.32 6.63
C ASN A 61 1.02 -15.81 6.44
N LEU A 62 1.39 -15.07 7.48
CA LEU A 62 1.59 -13.63 7.38
C LEU A 62 3.02 -13.26 7.03
N GLN A 63 3.93 -14.24 6.97
CA GLN A 63 5.34 -13.98 6.68
C GLN A 63 5.52 -14.00 5.16
N ASN A 64 5.48 -12.82 4.56
CA ASN A 64 5.73 -12.65 3.13
C ASN A 64 6.30 -11.27 2.91
N VAL A 65 6.76 -11.03 1.68
CA VAL A 65 7.44 -9.77 1.38
C VAL A 65 6.51 -8.59 1.64
N THR A 66 5.25 -8.71 1.23
CA THR A 66 4.30 -7.63 1.45
C THR A 66 4.27 -7.22 2.92
N ASN A 67 4.12 -8.19 3.83
CA ASN A 67 3.99 -7.91 5.24
C ASN A 67 5.29 -7.50 5.90
N TYR A 68 6.44 -7.69 5.24
CA TYR A 68 7.69 -7.17 5.78
C TYR A 68 7.73 -5.65 5.66
N PHE A 69 7.11 -5.08 4.62
CA PHE A 69 6.94 -3.64 4.57
C PHE A 69 5.87 -3.17 5.54
N VAL A 70 4.86 -4.01 5.80
CA VAL A 70 3.88 -3.68 6.82
C VAL A 70 4.53 -3.59 8.19
N VAL A 71 5.45 -4.51 8.48
CA VAL A 71 6.17 -4.47 9.76
C VAL A 71 7.03 -3.22 9.84
N SER A 72 7.74 -2.90 8.75
CA SER A 72 8.53 -1.68 8.72
C SER A 72 7.65 -0.46 8.96
N LEU A 73 6.45 -0.46 8.37
CA LEU A 73 5.51 0.62 8.61
C LEU A 73 5.06 0.65 10.06
N ALA A 74 4.74 -0.52 10.62
CA ALA A 74 4.34 -0.58 12.03
C ALA A 74 5.48 -0.14 12.95
N ALA A 75 6.72 -0.50 12.61
CA ALA A 75 7.85 -0.06 13.43
C ALA A 75 7.93 1.46 13.46
N ALA A 76 7.72 2.12 12.32
CA ALA A 76 7.72 3.58 12.30
C ALA A 76 6.63 4.15 13.19
N ASP A 77 5.45 3.50 13.21
CA ASP A 77 4.37 3.99 14.05
C ASP A 77 4.64 3.76 15.53
N ILE A 78 5.32 2.66 15.88
CA ILE A 78 5.73 2.45 17.26
C ILE A 78 6.65 3.58 17.72
N LEU A 79 7.61 3.96 16.87
CA LEU A 79 8.54 5.02 17.22
C LEU A 79 7.86 6.37 17.32
N VAL A 80 6.68 6.55 16.71
CA VAL A 80 5.96 7.80 16.87
C VAL A 80 5.47 7.96 18.31
N GLY A 81 5.01 6.88 18.91
CA GLY A 81 4.55 6.93 20.29
C GLY A 81 5.69 6.99 21.29
N VAL A 82 6.76 6.25 21.02
CA VAL A 82 7.85 6.15 21.99
C VAL A 82 8.75 7.39 21.95
N LEU A 83 8.87 8.04 20.79
CA LEU A 83 9.82 9.14 20.66
C LEU A 83 9.19 10.40 20.06
N ALA A 84 8.52 10.27 18.91
CA ALA A 84 8.06 11.46 18.20
C ALA A 84 7.07 12.27 19.03
N ILE A 85 6.12 11.60 19.68
CA ILE A 85 5.10 12.30 20.46
C ILE A 85 5.74 12.92 21.71
N PRO A 86 6.57 12.19 22.45
CA PRO A 86 7.38 12.86 23.47
C PRO A 86 8.15 14.06 22.92
N PHE A 87 8.73 13.94 21.73
CA PHE A 87 9.42 15.07 21.14
C PHE A 87 8.45 16.23 20.88
N ALA A 88 7.28 15.91 20.30
CA ALA A 88 6.31 16.96 19.97
C ALA A 88 5.82 17.67 21.22
N ILE A 89 5.57 16.92 22.31
CA ILE A 89 5.19 17.55 23.56
C ILE A 89 6.28 18.48 24.04
N THR A 90 7.55 18.09 23.83
CA THR A 90 8.67 18.90 24.30
C THR A 90 8.76 20.22 23.54
N ILE A 91 8.69 20.16 22.20
CA ILE A 91 8.86 21.37 21.40
C ILE A 91 7.68 22.33 21.52
N SER A 92 6.55 21.88 22.06
CA SER A 92 5.42 22.78 22.25
C SER A 92 5.64 23.72 23.44
N THR A 93 6.51 23.36 24.37
CA THR A 93 6.81 24.21 25.52
C THR A 93 7.68 25.40 25.15
N GLY A 94 8.46 25.32 24.07
CA GLY A 94 9.38 26.38 23.73
C GLY A 94 10.58 26.47 24.67
N PHE A 95 10.98 25.34 25.25
CA PHE A 95 12.05 25.35 26.23
C PHE A 95 13.39 25.72 25.59
N CYS A 96 14.25 26.33 26.39
CA CYS A 96 15.57 26.71 25.89
C CYS A 96 16.40 25.48 25.56
N ALA A 97 17.07 25.53 24.41
CA ALA A 97 17.90 24.41 23.97
C ALA A 97 18.86 24.89 22.90
N ALA A 98 19.91 24.09 22.71
CA ALA A 98 20.82 24.33 21.58
C ALA A 98 20.07 24.12 20.28
N CYS A 99 20.31 25.00 19.30
CA CYS A 99 19.50 25.01 18.09
C CYS A 99 19.56 23.67 17.36
N HIS A 100 20.75 23.07 17.27
CA HIS A 100 20.87 21.82 16.54
C HIS A 100 20.27 20.65 17.30
N GLY A 101 20.32 20.68 18.63
CA GLY A 101 19.59 19.70 19.41
C GLY A 101 18.09 19.87 19.26
N CYS A 102 17.63 21.12 19.14
CA CYS A 102 16.21 21.37 18.89
C CYS A 102 15.81 20.89 17.50
N LEU A 103 16.71 21.05 16.52
CA LEU A 103 16.42 20.57 15.17
C LEU A 103 16.11 19.09 15.15
N PHE A 104 16.87 18.30 15.90
CA PHE A 104 16.71 16.85 15.84
C PHE A 104 15.34 16.42 16.35
N ILE A 105 14.96 16.86 17.55
CA ILE A 105 13.65 16.48 18.08
C ILE A 105 12.54 17.06 17.23
N ALA A 106 12.80 18.14 16.49
CA ALA A 106 11.79 18.70 15.61
C ALA A 106 11.68 17.92 14.30
N CYS A 107 12.80 17.40 13.79
CA CYS A 107 12.82 16.76 12.49
C CYS A 107 12.65 15.25 12.55
N PHE A 108 12.75 14.64 13.72
CA PHE A 108 12.68 13.18 13.78
C PHE A 108 11.36 12.66 13.26
N VAL A 109 10.26 13.39 13.48
CA VAL A 109 8.97 12.95 12.95
C VAL A 109 8.98 12.96 11.43
N LEU A 110 9.78 13.84 10.82
CA LEU A 110 9.92 13.82 9.37
C LEU A 110 10.60 12.54 8.89
N VAL A 111 11.53 12.00 9.68
CA VAL A 111 12.16 10.73 9.33
C VAL A 111 11.13 9.61 9.31
N LEU A 112 10.30 9.55 10.35
CA LEU A 112 9.32 8.47 10.45
C LEU A 112 8.25 8.59 9.36
N ALA A 113 7.83 9.81 9.06
CA ALA A 113 6.86 10.00 7.98
C ALA A 113 7.45 9.57 6.64
N GLN A 114 8.72 9.92 6.39
CA GLN A 114 9.35 9.53 5.12
C GLN A 114 9.50 8.01 5.04
N SER A 115 9.84 7.37 6.16
CA SER A 115 9.90 5.92 6.17
C SER A 115 8.57 5.31 5.79
N SER A 116 7.47 5.86 6.32
CA SER A 116 6.14 5.35 6.00
C SER A 116 5.84 5.48 4.51
N ILE A 117 6.24 6.60 3.91
CA ILE A 117 5.98 6.81 2.48
C ILE A 117 6.71 5.78 1.64
N PHE A 118 7.96 5.49 1.98
CA PHE A 118 8.69 4.45 1.24
C PHE A 118 8.01 3.09 1.41
N SER A 119 7.58 2.76 2.63
CA SER A 119 6.91 1.48 2.83
C SER A 119 5.59 1.42 2.10
N LEU A 120 4.83 2.52 2.09
CA LEU A 120 3.55 2.52 1.37
C LEU A 120 3.78 2.36 -0.13
N LEU A 121 4.80 3.03 -0.67
CA LEU A 121 5.09 2.89 -2.09
C LEU A 121 5.57 1.48 -2.41
N ALA A 122 6.42 0.91 -1.57
CA ALA A 122 6.89 -0.45 -1.79
C ALA A 122 5.72 -1.44 -1.78
N ILE A 123 4.79 -1.28 -0.85
CA ILE A 123 3.62 -2.15 -0.80
C ILE A 123 2.84 -2.07 -2.10
N ALA A 124 2.64 -0.84 -2.61
CA ALA A 124 1.93 -0.68 -3.87
C ALA A 124 2.67 -1.37 -5.01
N ILE A 125 3.96 -1.10 -5.13
CA ILE A 125 4.75 -1.70 -6.21
C ILE A 125 4.78 -3.21 -6.07
N ASP A 126 4.82 -3.71 -4.83
CA ASP A 126 4.78 -5.14 -4.62
C ASP A 126 3.48 -5.75 -5.17
N ARG A 127 2.35 -5.08 -4.95
CA ARG A 127 1.07 -5.61 -5.41
C ARG A 127 0.92 -5.47 -6.92
N TYR A 128 1.55 -4.46 -7.53
CA TYR A 128 1.50 -4.35 -8.97
C TYR A 128 2.29 -5.47 -9.65
N ILE A 129 3.48 -5.77 -9.13
CA ILE A 129 4.25 -6.89 -9.65
C ILE A 129 3.49 -8.20 -9.49
N ALA A 130 2.81 -8.36 -8.36
CA ALA A 130 2.08 -9.59 -8.11
C ALA A 130 1.02 -9.84 -9.16
N ILE A 131 0.23 -8.81 -9.48
CA ILE A 131 -0.87 -8.98 -10.42
C ILE A 131 -0.43 -8.83 -11.88
N ALA A 132 0.61 -8.05 -12.15
CA ALA A 132 1.03 -7.80 -13.52
C ALA A 132 1.85 -8.96 -14.08
N ILE A 133 2.76 -9.52 -13.29
CA ILE A 133 3.58 -10.65 -13.73
C ILE A 133 3.59 -11.71 -12.63
N PRO A 134 2.47 -12.37 -12.34
CA PRO A 134 2.44 -13.34 -11.24
C PRO A 134 3.40 -14.50 -11.41
N LEU A 135 3.75 -14.85 -12.66
CA LEU A 135 4.62 -16.00 -12.86
C LEU A 135 6.06 -15.70 -12.49
N ARG A 136 6.48 -14.43 -12.57
CA ARG A 136 7.84 -14.02 -12.24
C ARG A 136 7.93 -13.33 -10.89
N TYR A 137 6.88 -13.39 -10.07
CA TYR A 137 6.87 -12.67 -8.80
C TYR A 137 7.81 -13.31 -7.79
N ASN A 138 7.60 -14.60 -7.50
CA ASN A 138 8.36 -15.25 -6.43
C ASN A 138 9.85 -15.25 -6.72
N GLY A 139 10.25 -15.31 -7.99
CA GLY A 139 11.66 -15.22 -8.32
C GLY A 139 12.19 -13.81 -8.26
N LEU A 140 11.35 -12.82 -8.58
CA LEU A 140 11.78 -11.43 -8.59
C LEU A 140 11.78 -10.84 -7.17
N VAL A 141 10.65 -10.91 -6.49
CA VAL A 141 10.47 -10.30 -5.18
C VAL A 141 10.70 -11.38 -4.11
N THR A 142 11.84 -11.34 -3.45
CA THR A 142 12.19 -12.29 -2.40
C THR A 142 12.36 -11.56 -1.08
N GLY A 143 12.58 -12.34 -0.02
CA GLY A 143 12.70 -11.76 1.31
C GLY A 143 14.02 -11.04 1.52
N THR A 144 15.12 -11.60 1.00
CA THR A 144 16.42 -10.96 1.17
C THR A 144 16.46 -9.62 0.47
N ARG A 145 15.90 -9.54 -0.74
CA ARG A 145 15.83 -8.27 -1.44
C ARG A 145 14.93 -7.28 -0.73
N ALA A 146 13.85 -7.76 -0.11
CA ALA A 146 12.98 -6.86 0.64
C ALA A 146 13.70 -6.27 1.84
N ALA A 147 14.46 -7.09 2.58
CA ALA A 147 15.16 -6.60 3.76
C ALA A 147 16.20 -5.55 3.41
N GLY A 148 16.84 -5.68 2.24
CA GLY A 148 17.82 -4.69 1.83
C GLY A 148 17.17 -3.38 1.40
N ILE A 149 16.06 -3.47 0.70
CA ILE A 149 15.31 -2.26 0.33
C ILE A 149 14.83 -1.54 1.57
N ILE A 150 14.36 -2.28 2.56
CA ILE A 150 13.88 -1.66 3.80
C ILE A 150 15.01 -0.92 4.50
N ALA A 151 16.20 -1.54 4.56
CA ALA A 151 17.35 -0.87 5.18
C ALA A 151 17.73 0.40 4.43
N ILE A 152 17.73 0.33 3.09
CA ILE A 152 18.10 1.50 2.30
C ILE A 152 17.08 2.62 2.50
N CYS A 153 15.79 2.25 2.56
CA CYS A 153 14.76 3.26 2.74
C CYS A 153 14.86 3.96 4.09
N TRP A 154 15.31 3.24 5.12
CA TRP A 154 15.48 3.89 6.42
C TRP A 154 16.67 4.85 6.40
N VAL A 155 17.76 4.45 5.75
CA VAL A 155 18.90 5.37 5.61
C VAL A 155 18.48 6.63 4.87
N LEU A 156 17.77 6.46 3.76
CA LEU A 156 17.30 7.61 3.01
C LEU A 156 16.28 8.43 3.80
N SER A 157 15.49 7.78 4.66
CA SER A 157 14.52 8.50 5.47
C SER A 157 15.21 9.42 6.47
N PHE A 158 16.30 8.95 7.07
CA PHE A 158 17.10 9.81 7.95
C PHE A 158 17.72 10.96 7.17
N ALA A 159 18.30 10.66 6.00
CA ALA A 159 18.92 11.69 5.18
C ALA A 159 17.90 12.76 4.79
N ILE A 160 16.76 12.34 4.24
CA ILE A 160 15.73 13.31 3.85
C ILE A 160 15.20 14.04 5.08
N GLY A 161 14.86 13.29 6.13
CA GLY A 161 14.22 13.89 7.28
C GLY A 161 15.11 14.84 8.06
N LEU A 162 16.41 14.56 8.10
CA LEU A 162 17.35 15.37 8.87
C LEU A 162 18.19 16.29 7.99
N THR A 163 17.75 16.55 6.76
CA THR A 163 18.44 17.51 5.90
C THR A 163 18.63 18.87 6.56
N PRO A 164 17.68 19.40 7.33
CA PRO A 164 17.93 20.71 7.98
C PRO A 164 19.18 20.72 8.85
N MET A 165 19.55 19.58 9.45
CA MET A 165 20.76 19.54 10.26
C MET A 165 22.03 19.59 9.42
N LEU A 166 21.94 19.38 8.11
CA LEU A 166 23.09 19.54 7.24
C LEU A 166 23.30 20.99 6.81
N GLY A 167 22.49 21.93 7.32
CA GLY A 167 22.72 23.34 7.06
C GLY A 167 21.48 24.12 6.66
N TRP A 168 20.44 23.43 6.20
CA TRP A 168 19.21 24.10 5.76
C TRP A 168 18.30 24.32 6.96
N ASN A 169 18.69 25.29 7.78
CA ASN A 169 17.96 25.59 9.00
C ASN A 169 18.08 27.09 9.30
N ASN A 170 17.40 27.51 10.36
CA ASN A 170 17.41 28.90 10.80
C ASN A 170 18.30 29.12 12.02
N CYS A 171 19.24 28.21 12.27
CA CYS A 171 20.12 28.39 13.43
C CYS A 171 21.02 29.59 13.26
N GLY A 172 21.33 29.99 12.03
CA GLY A 172 22.17 31.15 11.80
C GLY A 172 21.49 32.46 12.12
N GLN A 173 20.16 32.49 12.12
CA GLN A 173 19.38 33.71 12.38
C GLN A 173 18.43 33.44 13.53
N PRO A 174 18.95 33.27 14.75
CA PRO A 174 18.09 32.98 15.90
C PRO A 174 17.35 34.20 16.39
N LYS A 175 16.16 33.95 16.94
CA LYS A 175 15.34 35.01 17.53
C LYS A 175 15.87 35.27 18.94
N GLU A 176 16.78 36.23 19.06
CA GLU A 176 17.44 36.47 20.33
C GLU A 176 16.52 37.17 21.33
N GLY A 177 15.61 38.01 20.85
CA GLY A 177 14.65 38.64 21.76
C GLY A 177 13.82 37.63 22.50
N LYS A 178 13.31 36.62 21.79
CA LYS A 178 12.53 35.57 22.44
C LYS A 178 13.38 34.71 23.34
N ALA A 179 14.66 34.50 22.98
CA ALA A 179 15.54 33.69 23.82
C ALA A 179 15.90 34.42 25.10
N HIS A 180 16.09 35.74 25.02
CA HIS A 180 16.36 36.52 26.23
C HIS A 180 15.15 36.55 27.14
N SER A 181 13.96 36.74 26.57
CA SER A 181 12.75 36.82 27.40
C SER A 181 12.53 35.53 28.19
N GLN A 182 13.02 34.39 27.69
CA GLN A 182 12.91 33.12 28.38
C GLN A 182 14.18 32.76 29.14
N GLY A 183 15.14 33.68 29.22
CA GLY A 183 16.34 33.42 29.98
C GLY A 183 17.21 32.31 29.43
N CYS A 184 17.16 32.09 28.11
CA CYS A 184 18.02 31.10 27.50
C CYS A 184 19.47 31.57 27.53
N GLY A 185 20.40 30.62 27.52
CA GLY A 185 21.81 30.93 27.56
C GLY A 185 22.38 31.25 26.19
N GLU A 186 23.69 31.53 26.17
CA GLU A 186 24.37 31.80 24.93
C GLU A 186 24.42 30.53 24.08
N GLY A 187 24.16 30.69 22.79
CA GLY A 187 24.07 29.56 21.89
C GLY A 187 22.77 28.79 21.99
N GLN A 188 21.81 29.24 22.79
CA GLN A 188 20.55 28.57 22.99
C GLN A 188 19.42 29.41 22.42
N VAL A 189 18.32 28.74 22.03
CA VAL A 189 17.13 29.38 21.51
C VAL A 189 15.91 28.72 22.13
N ALA A 190 14.78 29.43 22.07
CA ALA A 190 13.50 28.84 22.44
C ALA A 190 13.13 27.82 21.38
N CYS A 191 13.01 26.56 21.78
CA CYS A 191 12.87 25.45 20.84
C CYS A 191 11.43 25.37 20.35
N LEU A 192 11.20 25.85 19.13
CA LEU A 192 9.90 25.78 18.47
C LEU A 192 10.11 25.30 17.04
N PHE A 193 9.14 24.53 16.54
CA PHE A 193 9.31 23.90 15.23
C PHE A 193 9.53 24.95 14.14
N GLU A 194 8.67 25.96 14.08
CA GLU A 194 8.73 26.94 13.00
C GLU A 194 9.83 27.97 13.18
N ASP A 195 10.50 28.00 14.34
CA ASP A 195 11.62 28.91 14.53
C ASP A 195 12.93 28.32 13.99
N VAL A 196 13.08 26.99 14.03
CA VAL A 196 14.32 26.34 13.61
C VAL A 196 14.20 25.72 12.22
N VAL A 197 13.06 25.12 11.90
CA VAL A 197 12.87 24.50 10.60
C VAL A 197 12.41 25.55 9.60
N PRO A 198 13.06 25.69 8.44
CA PRO A 198 12.60 26.69 7.46
C PRO A 198 11.38 26.22 6.68
N MET A 199 10.50 27.18 6.36
CA MET A 199 9.26 26.84 5.68
C MET A 199 9.47 26.51 4.21
N ASN A 200 10.53 27.04 3.58
CA ASN A 200 10.79 26.65 2.19
C ASN A 200 11.26 25.21 2.10
N TYR A 201 11.94 24.72 3.13
CA TYR A 201 12.24 23.29 3.18
C TYR A 201 10.97 22.47 3.39
N MET A 202 10.07 22.96 4.24
CA MET A 202 8.87 22.19 4.57
C MET A 202 7.93 22.10 3.38
N VAL A 203 7.81 23.17 2.60
CA VAL A 203 6.86 23.22 1.49
C VAL A 203 7.47 22.61 0.24
N TYR A 204 8.63 23.12 -0.18
CA TYR A 204 9.22 22.70 -1.45
C TYR A 204 9.90 21.34 -1.33
N PHE A 205 10.73 21.16 -0.31
CA PHE A 205 11.53 19.93 -0.22
C PHE A 205 10.73 18.79 0.40
N ASN A 206 10.16 19.02 1.58
CA ASN A 206 9.50 17.93 2.28
C ASN A 206 8.14 17.61 1.66
N PHE A 207 7.28 18.61 1.50
CA PHE A 207 5.90 18.35 1.07
C PHE A 207 5.81 18.05 -0.42
N PHE A 208 6.24 19.00 -1.26
CA PHE A 208 6.09 18.82 -2.71
C PHE A 208 6.92 17.65 -3.21
N ALA A 209 8.20 17.61 -2.86
CA ALA A 209 9.11 16.64 -3.47
C ALA A 209 9.06 15.29 -2.78
N CYS A 210 9.16 15.26 -1.45
CA CYS A 210 9.33 14.02 -0.72
C CYS A 210 8.04 13.41 -0.20
N VAL A 211 6.93 14.13 -0.25
CA VAL A 211 5.66 13.59 0.22
C VAL A 211 4.68 13.53 -0.95
N LEU A 212 4.44 14.67 -1.59
CA LEU A 212 3.35 14.77 -2.55
C LEU A 212 3.65 13.98 -3.82
N VAL A 213 4.87 14.11 -4.36
CA VAL A 213 5.23 13.34 -5.55
C VAL A 213 5.13 11.85 -5.29
N PRO A 214 5.74 11.29 -4.23
CA PRO A 214 5.53 9.86 -3.94
C PRO A 214 4.08 9.45 -3.83
N LEU A 215 3.24 10.27 -3.18
CA LEU A 215 1.83 9.91 -3.05
C LEU A 215 1.15 9.86 -4.41
N LEU A 216 1.44 10.84 -5.27
CA LEU A 216 0.88 10.81 -6.62
C LEU A 216 1.33 9.57 -7.37
N LEU A 217 2.60 9.18 -7.20
CA LEU A 217 3.08 7.94 -7.81
C LEU A 217 2.27 6.74 -7.32
N MET A 218 2.04 6.65 -6.02
CA MET A 218 1.23 5.56 -5.47
C MET A 218 -0.14 5.51 -6.16
N LEU A 219 -0.78 6.67 -6.30
CA LEU A 219 -2.06 6.73 -6.98
C LEU A 219 -1.98 6.10 -8.36
N GLY A 220 -0.93 6.43 -9.12
CA GLY A 220 -0.79 5.87 -10.46
C GLY A 220 -0.57 4.37 -10.43
N VAL A 221 0.15 3.86 -9.44
CA VAL A 221 0.39 2.43 -9.34
C VAL A 221 -0.91 1.70 -9.04
N TYR A 222 -1.69 2.21 -8.08
CA TYR A 222 -2.96 1.56 -7.74
C TYR A 222 -3.94 1.66 -8.91
N LEU A 223 -3.92 2.76 -9.65
CA LEU A 223 -4.73 2.85 -10.85
C LEU A 223 -4.36 1.75 -11.84
N ARG A 224 -3.06 1.51 -12.02
CA ARG A 224 -2.63 0.46 -12.92
C ARG A 224 -2.89 -0.94 -12.37
N ILE A 225 -3.02 -1.08 -11.04
CA ILE A 225 -3.37 -2.37 -10.45
C ILE A 225 -4.83 -2.69 -10.74
N PHE A 226 -5.72 -1.74 -10.47
CA PHE A 226 -7.15 -1.97 -10.68
C PHE A 226 -7.47 -2.10 -12.16
N ALA A 227 -6.76 -1.36 -13.02
CA ALA A 227 -6.95 -1.53 -14.45
C ALA A 227 -6.50 -2.91 -14.91
N ALA A 228 -5.39 -3.40 -14.36
CA ALA A 228 -4.88 -4.71 -14.76
C ALA A 228 -5.79 -5.84 -14.27
N ALA A 229 -6.41 -5.68 -13.10
CA ALA A 229 -7.34 -6.69 -12.62
C ALA A 229 -8.61 -6.72 -13.46
N ARG A 230 -9.10 -5.53 -13.84
CA ARG A 230 -10.32 -5.47 -14.64
C ARG A 230 -10.09 -6.09 -16.02
N ARG A 231 -8.95 -5.79 -16.64
CA ARG A 231 -8.66 -6.35 -17.96
C ARG A 231 -8.53 -7.87 -17.89
N GLN A 232 -7.96 -8.38 -16.81
CA GLN A 232 -7.72 -9.82 -16.70
C GLN A 232 -9.02 -10.57 -16.41
N LEU A 233 -9.90 -10.00 -15.60
CA LEU A 233 -11.22 -10.62 -15.38
C LEU A 233 -12.03 -10.62 -16.67
N ALA A 234 -12.01 -9.51 -17.40
CA ALA A 234 -12.76 -9.43 -18.66
C ALA A 234 -12.23 -10.44 -19.67
N ASP A 235 -10.91 -10.58 -19.77
CA ASP A 235 -10.33 -11.54 -20.71
C ASP A 235 -10.79 -12.96 -20.36
N LEU A 236 -10.81 -13.30 -19.07
CA LEU A 236 -11.31 -14.61 -18.67
C LEU A 236 -12.75 -14.80 -19.14
N GLU A 237 -13.60 -13.78 -18.98
CA GLU A 237 -14.98 -13.89 -19.40
C GLU A 237 -15.11 -13.85 -20.93
N ASP A 238 -14.11 -13.34 -21.63
CA ASP A 238 -14.12 -13.40 -23.09
C ASP A 238 -13.78 -14.80 -23.58
N ASN A 239 -12.74 -15.41 -23.03
CA ASN A 239 -12.36 -16.76 -23.44
C ASN A 239 -13.49 -17.75 -23.16
N TRP A 240 -14.13 -17.62 -21.99
CA TRP A 240 -15.23 -18.52 -21.64
C TRP A 240 -16.40 -18.36 -22.60
N GLU A 241 -16.71 -17.12 -22.99
CA GLU A 241 -17.80 -16.90 -23.94
C GLU A 241 -17.44 -17.42 -25.33
N THR A 242 -16.17 -17.29 -25.72
CA THR A 242 -15.77 -17.75 -27.05
C THR A 242 -15.94 -19.26 -27.18
N LEU A 243 -15.59 -20.00 -26.13
CA LEU A 243 -15.75 -21.45 -26.17
C LEU A 243 -17.21 -21.83 -26.35
N ASN A 244 -18.12 -21.21 -25.59
CA ASN A 244 -19.52 -21.57 -25.64
C ASN A 244 -20.16 -21.12 -26.95
N ASP A 245 -19.80 -19.93 -27.44
CA ASP A 245 -20.37 -19.46 -28.70
C ASP A 245 -19.91 -20.32 -29.87
N ASN A 246 -18.61 -20.65 -29.91
CA ASN A 246 -18.11 -21.47 -31.01
C ASN A 246 -18.63 -22.91 -30.93
N LEU A 247 -18.93 -23.39 -29.72
CA LEU A 247 -19.63 -24.66 -29.61
C LEU A 247 -21.00 -24.60 -30.27
N LYS A 248 -21.73 -23.52 -30.01
CA LYS A 248 -23.03 -23.34 -30.66
C LYS A 248 -22.90 -23.21 -32.17
N VAL A 249 -21.85 -22.53 -32.62
CA VAL A 249 -21.60 -22.43 -34.06
C VAL A 249 -21.40 -23.82 -34.66
N ILE A 250 -20.64 -24.67 -33.98
CA ILE A 250 -20.39 -26.02 -34.47
C ILE A 250 -21.69 -26.82 -34.52
N GLU A 251 -22.55 -26.66 -33.51
CA GLU A 251 -23.81 -27.40 -33.46
C GLU A 251 -24.64 -27.11 -34.70
N LYS A 252 -24.80 -25.83 -35.04
CA LYS A 252 -25.66 -25.41 -36.14
C LYS A 252 -24.89 -25.26 -37.46
N ALA A 253 -23.65 -25.75 -37.53
CA ALA A 253 -22.89 -25.64 -38.76
C ALA A 253 -23.47 -26.53 -39.85
N ASP A 254 -23.22 -26.15 -41.10
CA ASP A 254 -23.74 -26.87 -42.25
C ASP A 254 -22.67 -27.62 -43.03
N ASN A 255 -21.40 -27.22 -42.93
CA ASN A 255 -20.32 -27.87 -43.65
C ASN A 255 -19.14 -28.07 -42.72
N ALA A 256 -18.20 -28.93 -43.17
CA ALA A 256 -17.01 -29.20 -42.37
C ALA A 256 -16.13 -27.97 -42.24
N ALA A 257 -16.09 -27.11 -43.26
CA ALA A 257 -15.23 -25.93 -43.20
C ALA A 257 -15.67 -25.00 -42.07
N GLN A 258 -16.98 -24.86 -41.87
CA GLN A 258 -17.48 -24.04 -40.77
C GLN A 258 -17.04 -24.63 -39.42
N VAL A 259 -17.12 -25.96 -39.28
CA VAL A 259 -16.67 -26.60 -38.06
C VAL A 259 -15.16 -26.38 -37.88
N LYS A 260 -14.40 -26.49 -38.97
CA LYS A 260 -12.95 -26.27 -38.89
C LYS A 260 -12.63 -24.87 -38.38
N ASP A 261 -13.32 -23.86 -38.90
CA ASP A 261 -13.03 -22.49 -38.49
C ASP A 261 -13.31 -22.28 -37.01
N ALA A 262 -14.44 -22.81 -36.53
CA ALA A 262 -14.77 -22.64 -35.11
C ALA A 262 -13.78 -23.38 -34.22
N LEU A 263 -13.37 -24.59 -34.62
CA LEU A 263 -12.43 -25.35 -33.82
C LEU A 263 -11.05 -24.71 -33.83
N THR A 264 -10.63 -24.14 -34.97
CA THR A 264 -9.34 -23.46 -35.02
C THR A 264 -9.30 -22.29 -34.06
N LYS A 265 -10.39 -21.53 -33.96
CA LYS A 265 -10.46 -20.46 -32.97
C LYS A 265 -10.45 -21.02 -31.55
N MET A 266 -11.19 -22.10 -31.32
CA MET A 266 -11.30 -22.65 -29.97
C MET A 266 -9.95 -23.15 -29.46
N ARG A 267 -9.16 -23.79 -30.34
CA ARG A 267 -7.87 -24.31 -29.91
C ARG A 267 -6.95 -23.19 -29.43
N ALA A 268 -6.88 -22.10 -30.20
CA ALA A 268 -6.03 -20.98 -29.80
C ALA A 268 -6.46 -20.39 -28.48
N ALA A 269 -7.77 -20.27 -28.26
CA ALA A 269 -8.27 -19.72 -27.00
C ALA A 269 -7.89 -20.61 -25.82
N ALA A 270 -8.01 -21.93 -25.99
CA ALA A 270 -7.69 -22.85 -24.90
C ALA A 270 -6.21 -22.82 -24.57
N LEU A 271 -5.35 -22.78 -25.58
CA LEU A 271 -3.91 -22.72 -25.33
C LEU A 271 -3.50 -21.41 -24.68
N ASP A 272 -4.18 -20.31 -25.02
CA ASP A 272 -3.93 -19.04 -24.34
C ASP A 272 -4.40 -19.11 -22.89
N ALA A 273 -5.55 -19.74 -22.64
CA ALA A 273 -6.01 -19.91 -21.27
C ALA A 273 -5.04 -20.78 -20.47
N GLN A 274 -4.47 -21.80 -21.11
CA GLN A 274 -3.49 -22.65 -20.43
C GLN A 274 -2.26 -21.87 -20.03
N LYS A 275 -1.88 -20.86 -20.81
CA LYS A 275 -0.72 -20.03 -20.46
C LYS A 275 -0.95 -19.32 -19.15
N ALA A 276 -2.13 -18.72 -18.97
CA ALA A 276 -2.47 -18.04 -17.73
C ALA A 276 -2.32 -18.99 -16.54
N GLU A 290 -4.71 -30.22 -7.37
CA GLU A 290 -5.79 -29.51 -8.05
C GLU A 290 -5.25 -28.78 -9.28
N MET A 291 -4.07 -28.19 -9.16
CA MET A 291 -3.44 -27.52 -10.29
C MET A 291 -3.09 -28.53 -11.39
N LYS A 292 -2.57 -29.70 -11.00
CA LYS A 292 -2.35 -30.77 -11.98
C LYS A 292 -3.67 -31.23 -12.57
N ASP A 293 -4.71 -31.34 -11.74
CA ASP A 293 -6.04 -31.71 -12.22
C ASP A 293 -6.60 -30.66 -13.16
N PHE A 294 -6.12 -29.42 -13.07
CA PHE A 294 -6.57 -28.39 -13.99
C PHE A 294 -5.83 -28.47 -15.33
N ARG A 295 -4.52 -28.71 -15.30
CA ARG A 295 -3.77 -28.83 -16.55
C ARG A 295 -4.10 -30.11 -17.28
N HIS A 296 -4.51 -31.16 -16.55
CA HIS A 296 -5.05 -32.35 -17.18
C HIS A 296 -6.37 -32.05 -17.88
N GLY A 297 -7.12 -31.06 -17.38
CA GLY A 297 -8.35 -30.67 -18.06
C GLY A 297 -8.10 -29.96 -19.37
N PHE A 298 -7.04 -29.15 -19.43
CA PHE A 298 -6.69 -28.50 -20.68
C PHE A 298 -6.02 -29.47 -21.66
N ASP A 299 -5.34 -30.49 -21.14
CA ASP A 299 -4.84 -31.56 -22.01
C ASP A 299 -5.99 -32.28 -22.70
N ILE A 300 -7.06 -32.56 -21.95
CA ILE A 300 -8.23 -33.20 -22.55
C ILE A 300 -8.90 -32.27 -23.55
N LEU A 301 -8.99 -30.97 -23.21
CA LEU A 301 -9.71 -30.04 -24.06
C LEU A 301 -9.02 -29.86 -25.41
N VAL A 302 -7.71 -29.60 -25.38
CA VAL A 302 -6.97 -29.43 -26.64
C VAL A 302 -7.01 -30.72 -27.45
N GLY A 303 -6.73 -31.85 -26.80
CA GLY A 303 -6.79 -33.12 -27.51
C GLY A 303 -8.14 -33.38 -28.12
N GLN A 304 -9.21 -33.09 -27.39
CA GLN A 304 -10.56 -33.28 -27.93
C GLN A 304 -10.82 -32.37 -29.11
N ILE A 305 -10.28 -31.15 -29.10
CA ILE A 305 -10.44 -30.26 -30.24
C ILE A 305 -9.68 -30.80 -31.45
N ASP A 306 -8.51 -31.38 -31.22
CA ASP A 306 -7.74 -31.97 -32.32
C ASP A 306 -8.47 -33.16 -32.92
N ASP A 307 -9.18 -33.94 -32.08
CA ASP A 307 -9.95 -35.06 -32.61
C ASP A 307 -11.03 -34.57 -33.57
N ALA A 308 -11.80 -33.56 -33.16
CA ALA A 308 -12.84 -33.04 -34.03
C ALA A 308 -12.26 -32.30 -35.23
N LEU A 309 -11.10 -31.66 -35.05
CA LEU A 309 -10.49 -30.91 -36.14
C LEU A 309 -9.99 -31.84 -37.24
N LYS A 310 -9.46 -33.01 -36.86
CA LYS A 310 -9.03 -33.98 -37.86
C LYS A 310 -10.20 -34.50 -38.67
N LEU A 311 -11.33 -34.77 -38.01
CA LEU A 311 -12.52 -35.21 -38.73
C LEU A 311 -13.03 -34.14 -39.67
N ALA A 312 -12.95 -32.87 -39.25
CA ALA A 312 -13.42 -31.77 -40.09
C ALA A 312 -12.59 -31.65 -41.37
N ASN A 313 -11.27 -31.79 -41.25
CA ASN A 313 -10.41 -31.70 -42.43
C ASN A 313 -10.63 -32.86 -43.38
N GLU A 314 -10.98 -34.03 -42.85
CA GLU A 314 -11.33 -35.16 -43.71
C GLU A 314 -12.67 -34.97 -44.41
N GLY A 315 -13.54 -34.13 -43.86
CA GLY A 315 -14.85 -33.87 -44.43
C GLY A 315 -16.00 -34.48 -43.66
N LYS A 316 -15.74 -35.30 -42.64
CA LYS A 316 -16.78 -35.94 -41.85
C LYS A 316 -17.38 -34.90 -40.91
N VAL A 317 -18.55 -34.37 -41.27
CA VAL A 317 -19.14 -33.28 -40.51
C VAL A 317 -19.77 -33.80 -39.22
N LYS A 318 -20.77 -34.67 -39.36
CA LYS A 318 -21.54 -35.12 -38.20
C LYS A 318 -20.63 -35.75 -37.15
N GLU A 319 -19.61 -36.50 -37.58
CA GLU A 319 -18.67 -37.07 -36.62
C GLU A 319 -17.91 -35.96 -35.90
N ALA A 320 -17.55 -34.89 -36.62
CA ALA A 320 -16.91 -33.75 -35.98
C ALA A 320 -17.85 -33.08 -34.99
N GLN A 321 -19.10 -32.85 -35.40
CA GLN A 321 -20.07 -32.27 -34.47
C GLN A 321 -20.27 -33.17 -33.27
N ALA A 322 -20.32 -34.48 -33.48
CA ALA A 322 -20.46 -35.41 -32.35
C ALA A 322 -19.25 -35.32 -31.44
N ALA A 323 -18.05 -35.22 -32.02
CA ALA A 323 -16.84 -35.12 -31.21
C ALA A 323 -16.77 -33.78 -30.49
N ALA A 324 -17.36 -32.73 -31.07
CA ALA A 324 -17.31 -31.41 -30.45
C ALA A 324 -18.20 -31.33 -29.21
N GLU A 325 -19.29 -32.11 -29.17
CA GLU A 325 -20.17 -32.07 -28.01
C GLU A 325 -19.52 -32.69 -26.78
N GLN A 326 -18.56 -33.59 -26.98
CA GLN A 326 -17.85 -34.17 -25.84
C GLN A 326 -17.08 -33.12 -25.07
N LEU A 327 -16.76 -31.98 -25.69
CA LEU A 327 -16.07 -30.91 -24.98
C LEU A 327 -16.89 -30.41 -23.80
N LYS A 328 -18.22 -30.50 -23.88
CA LYS A 328 -19.05 -29.96 -22.81
C LYS A 328 -18.80 -30.67 -21.49
N THR A 329 -18.60 -31.99 -21.53
CA THR A 329 -18.28 -32.71 -20.30
C THR A 329 -16.96 -32.20 -19.72
N THR A 330 -15.95 -31.99 -20.57
CA THR A 330 -14.69 -31.43 -20.10
C THR A 330 -14.90 -30.01 -19.57
N ARG A 331 -15.76 -29.24 -20.23
CA ARG A 331 -16.04 -27.88 -19.79
C ARG A 331 -16.61 -27.86 -18.38
N ASN A 332 -17.59 -28.73 -18.12
CA ASN A 332 -18.25 -28.73 -16.82
C ASN A 332 -17.31 -29.22 -15.72
N ALA A 333 -16.57 -30.29 -15.99
CA ALA A 333 -15.78 -30.94 -14.94
C ALA A 333 -14.52 -30.13 -14.60
N TYR A 334 -13.82 -29.63 -15.62
CA TYR A 334 -12.51 -29.01 -15.42
C TYR A 334 -12.52 -27.51 -15.68
N ILE A 335 -13.00 -27.07 -16.85
CA ILE A 335 -12.81 -25.69 -17.27
C ILE A 335 -13.59 -24.73 -16.37
N GLN A 336 -14.85 -25.07 -16.06
CA GLN A 336 -15.63 -24.22 -15.18
C GLN A 336 -14.98 -24.08 -13.81
N LYS A 337 -14.24 -25.10 -13.37
CA LYS A 337 -13.54 -25.01 -12.10
C LYS A 337 -12.32 -24.10 -12.21
N TYR A 338 -11.62 -24.14 -13.35
CA TYR A 338 -10.49 -23.24 -13.54
C TYR A 338 -10.96 -21.79 -13.61
N LEU A 339 -12.10 -21.54 -14.23
CA LEU A 339 -12.65 -20.19 -14.27
C LEU A 339 -12.95 -19.67 -12.86
N GLU A 340 -13.70 -20.46 -12.09
CA GLU A 340 -14.21 -19.96 -10.81
C GLU A 340 -13.09 -19.76 -9.81
N ARG A 341 -11.98 -20.50 -9.96
CA ARG A 341 -10.84 -20.32 -9.07
C ARG A 341 -9.98 -19.15 -9.51
N ALA A 342 -9.76 -19.01 -10.82
CA ALA A 342 -9.05 -17.86 -11.35
C ALA A 342 -9.78 -16.57 -11.01
N ARG A 343 -11.11 -16.56 -11.12
CA ARG A 343 -11.89 -15.37 -10.80
C ARG A 343 -11.82 -15.05 -9.31
N SER A 344 -11.86 -16.08 -8.47
CA SER A 344 -11.77 -15.85 -7.03
C SER A 344 -10.41 -15.27 -6.65
N THR A 345 -9.35 -15.71 -7.32
CA THR A 345 -8.01 -15.23 -6.98
C THR A 345 -7.85 -13.76 -7.37
N LEU A 346 -8.37 -13.36 -8.52
CA LEU A 346 -8.29 -11.97 -8.94
C LEU A 346 -9.08 -11.07 -7.99
N GLN A 347 -10.22 -11.55 -7.51
CA GLN A 347 -11.01 -10.75 -6.58
C GLN A 347 -10.31 -10.59 -5.25
N LYS A 348 -9.60 -11.62 -4.79
CA LYS A 348 -8.86 -11.52 -3.55
C LYS A 348 -7.65 -10.59 -3.70
N GLU A 349 -7.08 -10.49 -4.90
CA GLU A 349 -6.02 -9.51 -5.13
C GLU A 349 -6.60 -8.10 -5.17
N VAL A 350 -7.77 -7.93 -5.79
CA VAL A 350 -8.39 -6.61 -5.81
C VAL A 350 -8.74 -6.16 -4.40
N HIS A 351 -9.31 -7.05 -3.59
CA HIS A 351 -9.66 -6.69 -2.22
C HIS A 351 -8.42 -6.35 -1.40
N ALA A 352 -7.34 -7.12 -1.58
CA ALA A 352 -6.10 -6.82 -0.86
C ALA A 352 -5.52 -5.48 -1.30
N ALA A 353 -5.58 -5.18 -2.60
CA ALA A 353 -5.07 -3.91 -3.08
C ALA A 353 -5.92 -2.75 -2.59
N LYS A 354 -7.22 -2.97 -2.38
CA LYS A 354 -8.06 -1.93 -1.80
C LYS A 354 -7.66 -1.65 -0.36
N SER A 355 -7.45 -2.71 0.43
CA SER A 355 -7.02 -2.52 1.81
C SER A 355 -5.72 -1.73 1.88
N ALA A 356 -4.76 -2.07 1.02
CA ALA A 356 -3.50 -1.33 1.00
C ALA A 356 -3.69 0.10 0.54
N ALA A 357 -4.63 0.32 -0.40
CA ALA A 357 -4.87 1.68 -0.88
C ALA A 357 -5.58 2.53 0.17
N ILE A 358 -6.40 1.91 1.03
CA ILE A 358 -7.04 2.66 2.10
C ILE A 358 -6.00 3.15 3.10
N ILE A 359 -5.02 2.30 3.44
CA ILE A 359 -3.95 2.70 4.34
C ILE A 359 -3.22 3.92 3.79
N ALA A 360 -2.81 3.84 2.51
CA ALA A 360 -2.11 4.96 1.89
C ALA A 360 -2.99 6.21 1.83
N GLY A 361 -4.28 6.03 1.55
CA GLY A 361 -5.17 7.17 1.51
C GLY A 361 -5.36 7.81 2.88
N LEU A 362 -5.47 7.00 3.91
CA LEU A 362 -5.60 7.54 5.26
C LEU A 362 -4.34 8.26 5.71
N PHE A 363 -3.18 7.85 5.19
CA PHE A 363 -1.96 8.60 5.47
C PHE A 363 -2.04 10.01 4.89
N ALA A 364 -2.51 10.12 3.64
CA ALA A 364 -2.65 11.44 3.02
C ALA A 364 -3.66 12.28 3.79
N LEU A 365 -4.83 11.71 4.10
CA LEU A 365 -5.86 12.47 4.79
C LEU A 365 -5.37 12.99 6.14
N CYS A 366 -4.56 12.19 6.85
CA CYS A 366 -4.10 12.57 8.18
C CYS A 366 -2.99 13.60 8.14
N TRP A 367 -2.15 13.59 7.10
CA TRP A 367 -1.01 14.49 7.03
C TRP A 367 -1.26 15.74 6.20
N LEU A 368 -2.23 15.71 5.30
CA LEU A 368 -2.42 16.85 4.41
C LEU A 368 -2.79 18.13 5.14
N PRO A 369 -3.67 18.12 6.15
CA PRO A 369 -4.00 19.38 6.84
C PRO A 369 -2.76 20.11 7.34
N LEU A 370 -1.84 19.42 7.99
CA LEU A 370 -0.63 20.06 8.48
C LEU A 370 0.18 20.64 7.33
N HIS A 371 0.35 19.86 6.24
CA HIS A 371 1.08 20.37 5.09
C HIS A 371 0.38 21.54 4.44
N ILE A 372 -0.96 21.48 4.34
CA ILE A 372 -1.71 22.58 3.74
C ILE A 372 -1.59 23.85 4.58
N ILE A 373 -1.54 23.70 5.91
CA ILE A 373 -1.36 24.88 6.77
C ILE A 373 0.00 25.53 6.51
N ASN A 374 1.04 24.71 6.30
CA ASN A 374 2.35 25.28 6.04
C ASN A 374 2.37 26.04 4.72
N CYS A 375 1.61 25.58 3.72
CA CYS A 375 1.53 26.32 2.47
C CYS A 375 0.92 27.70 2.70
N PHE A 376 -0.13 27.78 3.51
CA PHE A 376 -0.72 29.08 3.81
C PHE A 376 0.28 29.97 4.53
N THR A 377 0.95 29.45 5.55
CA THR A 377 1.96 30.22 6.25
C THR A 377 3.04 30.72 5.29
N PHE A 378 3.47 29.86 4.37
CA PHE A 378 4.58 30.19 3.49
C PHE A 378 4.15 31.08 2.33
N PHE A 379 3.05 30.74 1.67
CA PHE A 379 2.70 31.44 0.44
C PHE A 379 1.88 32.70 0.70
N CYS A 380 1.16 32.78 1.82
CA CYS A 380 0.38 33.97 2.12
C CYS A 380 0.93 34.67 3.36
N PRO A 381 1.97 35.49 3.22
CA PRO A 381 2.43 36.29 4.36
C PRO A 381 1.45 37.38 4.77
N ASP A 382 0.47 37.71 3.92
CA ASP A 382 -0.57 38.66 4.29
C ASP A 382 -1.67 38.03 5.13
N CYS A 383 -1.85 36.71 5.03
CA CYS A 383 -2.82 36.01 5.85
C CYS A 383 -2.30 35.87 7.28
N SER A 384 -3.23 35.84 8.24
CA SER A 384 -2.86 35.62 9.62
C SER A 384 -2.50 34.16 9.84
N HIS A 385 -1.49 33.92 10.67
CA HIS A 385 -1.05 32.56 10.93
C HIS A 385 -2.18 31.77 11.58
N ALA A 386 -2.35 30.52 11.15
CA ALA A 386 -3.39 29.68 11.71
C ALA A 386 -3.30 29.66 13.23
N PRO A 387 -4.43 29.61 13.94
CA PRO A 387 -4.37 29.73 15.40
C PRO A 387 -3.73 28.51 16.04
N LEU A 388 -3.26 28.71 17.28
CA LEU A 388 -2.53 27.66 17.96
C LEU A 388 -3.37 26.39 18.12
N TRP A 389 -4.67 26.55 18.39
CA TRP A 389 -5.50 25.38 18.60
C TRP A 389 -5.66 24.56 17.33
N LEU A 390 -5.66 25.21 16.15
CA LEU A 390 -5.73 24.47 14.90
C LEU A 390 -4.42 23.77 14.60
N MET A 391 -3.29 24.37 14.98
CA MET A 391 -2.00 23.70 14.84
C MET A 391 -1.97 22.42 15.65
N TYR A 392 -2.33 22.51 16.94
CA TYR A 392 -2.36 21.32 17.79
C TYR A 392 -3.28 20.26 17.20
N LEU A 393 -4.44 20.68 16.69
CA LEU A 393 -5.38 19.71 16.12
C LEU A 393 -4.79 19.04 14.88
N ALA A 394 -4.11 19.80 14.03
CA ALA A 394 -3.49 19.23 12.85
C ALA A 394 -2.33 18.33 13.22
N ILE A 395 -1.56 18.70 14.24
CA ILE A 395 -0.49 17.83 14.73
C ILE A 395 -1.07 16.55 15.30
N VAL A 396 -2.13 16.67 16.09
CA VAL A 396 -2.76 15.49 16.69
C VAL A 396 -3.31 14.57 15.60
N LEU A 397 -3.87 15.16 14.54
CA LEU A 397 -4.42 14.35 13.47
C LEU A 397 -3.32 13.59 12.74
N ALA A 398 -2.17 14.24 12.51
CA ALA A 398 -1.05 13.55 11.88
C ALA A 398 -0.59 12.36 12.71
N HIS A 399 -0.51 12.54 14.04
CA HIS A 399 -0.09 11.45 14.91
C HIS A 399 -1.12 10.34 14.99
N THR A 400 -2.42 10.69 14.86
CA THR A 400 -3.47 9.67 14.91
C THR A 400 -3.32 8.63 13.80
N ASN A 401 -2.64 8.98 12.70
CA ASN A 401 -2.44 8.00 11.64
C ASN A 401 -1.67 6.78 12.13
N SER A 402 -0.85 6.95 13.16
CA SER A 402 -0.10 5.82 13.71
C SER A 402 -0.99 4.87 14.52
N VAL A 403 -2.29 5.15 14.62
CA VAL A 403 -3.22 4.28 15.35
C VAL A 403 -4.12 3.49 14.41
N VAL A 404 -4.33 3.93 13.18
CA VAL A 404 -5.44 3.42 12.38
C VAL A 404 -5.09 2.14 11.62
N ASN A 405 -3.84 1.95 11.22
CA ASN A 405 -3.51 0.78 10.41
C ASN A 405 -3.89 -0.54 11.10
N PRO A 406 -3.55 -0.76 12.38
CA PRO A 406 -4.01 -2.00 13.04
C PRO A 406 -5.49 -2.28 12.88
N PHE A 407 -6.35 -1.25 12.94
CA PHE A 407 -7.78 -1.47 12.79
C PHE A 407 -8.15 -1.84 11.36
N ILE A 408 -7.45 -1.29 10.38
CA ILE A 408 -7.75 -1.62 8.99
C ILE A 408 -7.40 -3.08 8.71
N TYR A 409 -6.24 -3.54 9.19
CA TYR A 409 -5.89 -4.95 9.02
C TYR A 409 -6.93 -5.86 9.65
N ALA A 410 -7.39 -5.50 10.86
CA ALA A 410 -8.36 -6.35 11.57
C ALA A 410 -9.67 -6.46 10.80
N TYR A 411 -10.18 -5.34 10.30
CA TYR A 411 -11.49 -5.36 9.67
C TYR A 411 -11.45 -5.92 8.24
N ARG A 412 -10.31 -5.83 7.57
CA ARG A 412 -10.24 -6.13 6.14
C ARG A 412 -9.40 -7.35 5.79
N ILE A 413 -8.64 -7.91 6.73
CA ILE A 413 -7.75 -9.04 6.45
C ILE A 413 -8.03 -10.11 7.50
N ARG A 414 -8.62 -11.23 7.07
CA ARG A 414 -9.06 -12.25 8.02
C ARG A 414 -7.88 -12.90 8.73
N GLU A 415 -6.74 -13.06 8.06
CA GLU A 415 -5.61 -13.72 8.70
C GLU A 415 -5.04 -12.89 9.84
N PHE A 416 -5.02 -11.56 9.68
CA PHE A 416 -4.63 -10.69 10.79
C PHE A 416 -5.67 -10.70 11.90
N ARG A 417 -6.95 -10.69 11.53
CA ARG A 417 -8.01 -10.66 12.53
C ARG A 417 -7.96 -11.89 13.43
N GLN A 418 -7.82 -13.07 12.83
CA GLN A 418 -7.80 -14.30 13.63
C GLN A 418 -6.54 -14.39 14.48
N THR A 419 -5.42 -13.86 14.00
CA THR A 419 -4.21 -13.87 14.80
C THR A 419 -4.30 -12.89 15.97
N PHE A 420 -5.02 -11.79 15.80
CA PHE A 420 -5.22 -10.87 16.91
C PHE A 420 -6.05 -11.51 18.00
N ARG A 421 -7.12 -12.23 17.63
CA ARG A 421 -7.94 -12.90 18.63
C ARG A 421 -7.11 -13.87 19.46
N LYS A 422 -6.28 -14.68 18.79
CA LYS A 422 -5.51 -15.70 19.50
C LYS A 422 -4.46 -15.08 20.42
N ILE A 423 -3.82 -13.99 19.99
CA ILE A 423 -2.86 -13.31 20.84
C ILE A 423 -3.54 -12.74 22.08
N ILE A 424 -4.69 -12.10 21.87
CA ILE A 424 -5.38 -11.44 22.98
C ILE A 424 -5.94 -12.47 23.95
N ARG A 425 -6.49 -13.58 23.45
CA ARG A 425 -7.09 -14.58 24.31
C ARG A 425 -6.05 -15.24 25.20
N SER A 426 -4.95 -15.71 24.61
CA SER A 426 -3.91 -16.36 25.40
C SER A 426 -3.29 -15.40 26.41
N HIS A 427 -3.09 -14.14 26.01
CA HIS A 427 -2.48 -13.15 26.90
C HIS A 427 -3.48 -12.04 27.21
C02 TKO B . 4.58 22.80 11.61
C04 TKO B . 4.87 20.46 11.22
C05 TKO B . 4.97 19.34 10.18
C06 TKO B . 5.62 18.12 10.15
C07 TKO B . 5.35 17.47 8.91
C08 TKO B . 4.55 18.33 8.22
C10 TKO B . 4.98 20.25 12.66
C11 TKO B . 5.19 19.00 13.30
C12 TKO B . 5.29 18.90 14.66
C14 TKO B . 5.17 20.02 15.50
C15 TKO B . 4.97 21.26 14.92
C16 TKO B . 4.87 21.41 13.50
N01 TKO B . 4.36 24.08 11.01
N03 TKO B . 4.68 21.69 10.72
N17 TKO B . 4.67 22.69 12.96
O09 TKO B . 4.29 19.47 8.96
BR13 TKO B . 5.57 17.15 15.50
C1 CLR C . -5.08 29.54 7.29
C2 CLR C . -4.88 30.93 7.88
C3 CLR C . -5.74 31.95 7.15
C4 CLR C . -7.21 31.58 7.29
C5 CLR C . -7.44 30.15 6.84
C6 CLR C . -8.45 29.93 5.99
C7 CLR C . -8.84 28.55 5.50
C8 CLR C . -8.15 27.45 6.29
C9 CLR C . -6.68 27.79 6.53
C10 CLR C . -6.53 29.06 7.37
C11 CLR C . -5.91 26.61 7.12
C12 CLR C . -6.12 25.29 6.36
C13 CLR C . -7.59 24.96 6.22
C14 CLR C . -8.23 26.15 5.51
C15 CLR C . -9.61 25.67 5.10
C16 CLR C . -9.41 24.19 4.81
C17 CLR C . -7.98 23.82 5.27
C18 CLR C . -8.21 24.71 7.59
C19 CLR C . -6.90 28.84 8.84
C20 CLR C . -7.92 22.38 5.79
C21 CLR C . -6.50 21.93 6.09
C22 CLR C . -8.62 21.46 4.78
C23 CLR C . -8.02 20.07 4.63
C24 CLR C . -8.84 19.26 3.64
C25 CLR C . -8.44 17.79 3.54
C26 CLR C . -6.95 17.58 3.76
C27 CLR C . -9.26 16.93 4.50
O1 CLR C . -5.54 33.26 7.68
C1 CLR D . -1.54 30.07 -2.02
C2 CLR D . -1.49 31.51 -1.54
C3 CLR D . -2.88 32.13 -1.48
C4 CLR D . -3.78 31.31 -0.57
C5 CLR D . -3.75 29.86 -0.98
C6 CLR D . -4.94 29.25 -1.19
C7 CLR D . -5.07 27.80 -1.57
C8 CLR D . -3.77 27.05 -1.32
C9 CLR D . -2.56 27.82 -1.82
C10 CLR D . -2.42 29.18 -1.14
C11 CLR D . -1.27 26.97 -1.72
C12 CLR D . -1.38 25.57 -2.32
C13 CLR D . -2.59 24.83 -1.78
C14 CLR D . -3.79 25.72 -2.05
C15 CLR D . -5.02 24.83 -1.82
C16 CLR D . -4.53 23.45 -2.25
C17 CLR D . -3.02 23.54 -2.51
C18 CLR D . -2.39 24.54 -0.30
C19 CLR D . -1.79 29.06 0.25
C20 CLR D . -2.27 22.26 -2.16
C21 CLR D . -0.83 22.33 -2.65
C22 CLR D . -2.96 21.02 -2.74
C23 CLR D . -2.27 19.71 -2.33
C24 CLR D . -2.34 18.69 -3.46
C25 CLR D . -3.70 18.01 -3.58
C26 CLR D . -3.71 17.07 -4.77
C27 CLR D . -4.08 17.26 -2.30
O1 CLR D . -2.77 33.48 -0.99
C1 CLR E . 18.22 18.55 24.97
C2 CLR E . 18.42 20.06 25.09
C3 CLR E . 19.83 20.43 24.69
C4 CLR E . 20.03 20.07 23.23
C5 CLR E . 19.69 18.62 22.98
C6 CLR E . 20.56 17.90 22.23
C7 CLR E . 20.35 16.46 21.85
C8 CLR E . 19.00 15.91 22.27
C9 CLR E . 18.50 16.50 23.59
C10 CLR E . 18.42 18.04 23.54
C11 CLR E . 17.18 15.85 24.01
C12 CLR E . 17.25 14.32 24.09
C13 CLR E . 17.78 13.72 22.81
C14 CLR E . 19.10 14.41 22.50
C15 CLR E . 19.71 13.59 21.37
C16 CLR E . 19.26 12.16 21.71
C17 CLR E . 18.24 12.27 22.85
C18 CLR E . 16.77 13.89 21.67
C19 CLR E . 17.27 18.52 22.66
C20 CLR E . 17.17 11.18 22.77
C21 CLR E . 16.07 11.38 23.81
C22 CLR E . 17.80 9.79 23.00
C23 CLR E . 16.95 8.65 22.45
C24 CLR E . 17.53 7.31 22.88
C25 CLR E . 16.89 6.15 22.14
C26 CLR E . 17.87 5.00 21.95
C27 CLR E . 15.64 5.68 22.87
O1 CLR E . 20.04 21.84 24.88
C10 OLC F . 11.44 11.47 25.90
C9 OLC F . 11.72 12.78 25.93
C11 OLC F . 12.41 10.43 25.44
C8 OLC F . 13.02 13.35 25.50
C24 OLC F . 17.34 23.97 30.25
C16 OLC F . 12.51 4.15 25.26
C12 OLC F . 11.81 9.05 25.70
C7 OLC F . 12.79 14.74 24.89
C15 OLC F . 13.08 5.53 24.90
C13 OLC F . 12.87 7.97 25.42
C6 OLC F . 13.87 15.72 25.35
C14 OLC F . 12.24 6.59 25.60
C5 OLC F . 13.44 16.40 26.65
C4 OLC F . 14.27 17.67 26.92
C3 OLC F . 14.08 18.02 28.38
C2 OLC F . 13.97 19.52 28.66
C21 OLC F . 16.64 21.56 30.22
C1 OLC F . 15.34 20.03 28.93
C22 OLC F . 17.02 22.77 29.32
O19 OLC F . 16.40 19.58 28.52
O25 OLC F . 17.92 24.92 29.42
O23 OLC F . 18.09 22.46 28.51
O20 OLC F . 15.37 21.14 29.75
C9 OLC G . 10.56 -0.41 16.39
C8 OLC G . 10.47 -1.83 16.81
C24 OLC G . 9.54 -12.15 9.40
C7 OLC G . 10.88 -2.75 15.67
C6 OLC G . 9.75 -3.76 15.43
C5 OLC G . 10.18 -4.78 14.39
C4 OLC G . 9.90 -6.18 14.89
C3 OLC G . 9.83 -7.11 13.70
C2 OLC G . 9.30 -8.47 14.11
C21 OLC G . 8.79 -10.47 11.07
C1 OLC G . 8.63 -9.06 12.92
C22 OLC G . 9.61 -11.75 10.91
O19 OLC G . 7.44 -8.99 12.64
O25 OLC G . 10.44 -13.21 9.29
O23 OLC G . 10.92 -11.57 11.32
O20 OLC G . 9.46 -9.74 12.09
C10 OLC H . -0.08 24.64 -5.75
C9 OLC H . 0.19 25.93 -5.57
C11 OLC H . 0.96 23.58 -5.88
C8 OLC H . 1.56 26.50 -5.48
C24 OLC H . 3.45 38.32 -1.00
C12 OLC H . 0.24 22.28 -6.27
C7 OLC H . 1.47 27.86 -4.76
C13 OLC H . 1.16 21.08 -6.09
C6 OLC H . 2.57 28.79 -5.21
C14 OLC H . 0.56 19.89 -6.82
C5 OLC H . 1.99 30.10 -5.68
C4 OLC H . 1.56 30.97 -4.51
C3 OLC H . 2.22 32.33 -4.63
C2 OLC H . 1.71 33.30 -3.58
C21 OLC H . 2.98 36.19 -2.22
C1 OLC H . 2.39 34.61 -3.85
C22 OLC H . 2.32 37.42 -1.56
O19 OLC H . 3.25 34.82 -4.69
O25 OLC H . 2.79 39.32 -0.30
O23 OLC H . 1.52 38.10 -2.44
O20 OLC H . 1.98 35.64 -3.06
C10 OLC I . 13.92 1.32 12.86
C9 OLC I . 13.37 0.10 12.80
C11 OLC I . 15.16 1.66 12.13
C8 OLC I . 13.95 -1.03 12.02
C24 OLC I . 12.57 -11.38 6.54
C12 OLC I . 15.56 3.10 12.44
C7 OLC I . 12.93 -1.58 11.06
C13 OLC I . 15.87 3.22 13.91
C6 OLC I . 12.41 -2.91 11.58
C5 OLC I . 11.48 -3.54 10.56
C4 OLC I . 12.20 -4.58 9.74
C3 OLC I . 11.25 -5.10 8.69
C2 OLC I . 11.88 -6.22 7.90
C21 OLC I . 12.73 -9.37 8.01
C1 OLC I . 11.58 -7.46 8.68
C22 OLC I . 12.96 -9.88 6.57
O19 OLC I . 11.36 -7.56 9.88
O25 OLC I . 12.87 -11.79 5.23
O23 OLC I . 12.22 -9.14 5.66
O20 OLC I . 11.55 -8.60 7.92
C1 OLA J . -6.15 25.05 23.24
O1 OLA J . -7.11 25.53 23.87
O2 OLA J . -5.24 25.81 22.83
C2 OLA J . -6.07 23.54 22.97
C3 OLA J . -7.28 23.07 22.16
C4 OLA J . -7.20 21.59 21.81
C5 OLA J . -6.10 21.31 20.78
C6 OLA J . -6.42 20.09 19.94
C7 OLA J . -6.06 18.79 20.67
C8 OLA J . -6.95 17.65 20.22
C9 OLA J . -8.24 17.65 21.00
C10 OLA J . -9.35 17.04 20.56
C11 OLA J . -9.40 16.30 19.25
C12 OLA J . -8.57 15.03 19.26
C13 OLA J . -9.22 13.94 18.39
C14 OLA J . -8.19 13.21 17.53
C15 OLA J . -7.98 13.92 16.20
C16 OLA J . -9.08 13.55 15.21
C1 OLA K . 10.61 22.07 29.99
O1 OLA K . 10.25 23.26 29.84
O2 OLA K . 11.78 21.83 30.38
C2 OLA K . 9.64 20.91 29.71
C3 OLA K . 10.07 20.11 28.48
C4 OLA K . 9.19 18.88 28.27
C5 OLA K . 9.59 17.75 29.21
C6 OLA K . 9.60 16.40 28.49
C7 OLA K . 8.18 15.91 28.19
C8 OLA K . 8.16 14.43 27.84
C9 OLA K . 6.77 13.88 28.01
C10 OLA K . 6.53 12.57 28.15
C11 OLA K . 7.65 11.57 28.14
C12 OLA K . 7.09 10.15 28.11
C13 OLA K . 8.21 9.11 28.22
C14 OLA K . 8.09 8.03 27.13
C15 OLA K . 9.03 6.86 27.43
C16 OLA K . 8.94 5.77 26.36
C17 OLA K . 7.88 4.73 26.71
C18 OLA K . 8.26 3.37 26.13
C1 OLA L . 4.90 22.09 30.34
O1 OLA L . 4.18 22.98 29.83
O2 OLA L . 5.73 22.41 31.23
C2 OLA L . 4.76 20.63 29.90
C3 OLA L . 5.80 19.74 30.60
C4 OLA L . 5.70 18.29 30.13
C5 OLA L . 4.66 17.52 30.93
C6 OLA L . 4.39 16.16 30.30
C7 OLA L . 3.33 15.38 31.10
C8 OLA L . 3.79 13.96 31.38
C9 OLA L . 2.82 13.24 32.27
C1 OLA M . 9.37 -4.41 -4.19
O1 OLA M . 8.59 -4.45 -3.22
O2 OLA M . 9.76 -5.50 -4.69
C2 OLA M . 9.86 -3.09 -4.77
C3 OLA M . 10.02 -2.04 -3.67
C4 OLA M . 10.22 -0.65 -4.26
C5 OLA M . 10.82 0.30 -3.22
C6 OLA M . 10.17 1.68 -3.27
C7 OLA M . 11.05 2.74 -2.62
C1 OLA N . 16.21 -4.36 8.45
O1 OLA N . 15.24 -4.65 7.70
O2 OLA N . 17.22 -5.08 8.43
C2 OLA N . 16.13 -3.15 9.39
C3 OLA N . 16.54 -1.87 8.66
C4 OLA N . 16.78 -0.72 9.64
C5 OLA N . 18.02 0.09 9.27
C6 OLA N . 18.19 1.32 10.14
C7 OLA N . 19.59 1.92 9.99
C8 OLA N . 19.66 3.33 10.58
C9 OLA N . 19.31 4.35 9.53
C10 OLA N . 19.94 5.52 9.42
C11 OLA N . 21.08 5.95 10.32
C12 OLA N . 21.55 7.35 9.99
C13 OLA N . 22.11 7.45 8.56
C14 OLA N . 22.74 8.81 8.29
C15 OLA N . 21.79 9.75 7.55
C16 OLA N . 22.27 11.20 7.61
C17 OLA N . 21.79 11.88 8.89
C18 OLA N . 22.66 13.07 9.25
C1 OLA O . 22.79 -4.74 -4.77
O1 OLA O . 22.17 -5.12 -5.79
O2 OLA O . 23.55 -5.55 -4.19
C2 OLA O . 22.61 -3.31 -4.24
C3 OLA O . 23.97 -2.68 -3.92
C4 OLA O . 23.82 -1.44 -3.04
C5 OLA O . 23.19 -0.28 -3.80
C6 OLA O . 21.84 0.12 -3.19
C7 OLA O . 21.22 1.30 -3.94
C8 OLA O . 21.54 2.65 -3.30
C9 OLA O . 20.98 3.76 -4.16
C10 OLA O . 21.24 5.05 -3.91
C11 OLA O . 22.10 5.50 -2.76
C12 OLA O . 22.57 6.92 -2.99
C13 OLA O . 21.61 7.95 -2.39
C14 OLA O . 21.93 9.37 -2.87
C15 OLA O . 21.75 10.41 -1.75
C16 OLA O . 20.28 10.79 -1.54
C17 OLA O . 20.12 11.57 -0.25
C18 OLA O . 19.08 12.67 -0.40
C7 OLA P . -11.31 2.75 15.16
C8 OLA P . -10.69 4.13 15.23
C9 OLA P . -9.20 4.06 15.04
C10 OLA P . -8.45 5.16 15.13
C11 OLA P . -9.09 6.50 15.44
C12 OLA P . -9.09 6.77 16.93
C13 OLA P . -7.99 7.75 17.32
C14 OLA P . -8.44 8.59 18.51
C15 OLA P . -7.30 8.78 19.50
C16 OLA P . -7.66 9.79 20.59
C17 OLA P . -8.03 11.14 19.99
C1 OLA Q . -11.34 27.20 20.12
O1 OLA Q . -12.00 28.12 19.57
O2 OLA Q . -10.57 27.49 21.05
C2 OLA Q . -11.50 25.75 19.64
C3 OLA Q . -10.52 24.80 20.34
C4 OLA Q . -11.07 23.38 20.42
C5 OLA Q . -10.97 22.64 19.07
C6 OLA Q . -9.67 21.85 18.98
C1 OLA R . 9.38 -16.42 21.06
O1 OLA R . 8.80 -17.33 21.71
O2 OLA R . 9.51 -16.55 19.82
C2 OLA R . 9.90 -15.20 21.80
C3 OLA R . 10.21 -14.03 20.85
C4 OLA R . 10.45 -12.75 21.64
C5 OLA R . 10.93 -11.63 20.74
C7 OLA S . 9.25 -10.34 17.71
C8 OLA S . 9.07 -8.92 18.20
C9 OLA S . 7.65 -8.45 17.97
C10 OLA S . 7.24 -7.28 18.45
C11 OLA S . 8.19 -6.42 19.24
C12 OLA S . 7.68 -5.00 19.33
C13 OLA S . 8.85 -4.03 19.47
C14 OLA S . 8.40 -2.66 19.99
C15 OLA S . 8.53 -2.59 21.52
C16 OLA S . 8.89 -1.18 21.96
C17 OLA S . 8.09 -0.76 23.19
C1 OLA T . 7.36 32.84 -1.41
O1 OLA T . 6.25 33.37 -1.15
O2 OLA T . 8.30 32.98 -0.60
C2 OLA T . 7.55 32.04 -2.70
C3 OLA T . 6.61 32.55 -3.79
C4 OLA T . 7.06 32.02 -5.16
C5 OLA T . 5.90 31.35 -5.93
C6 OLA T . 6.19 29.88 -6.23
C7 OLA T . 6.01 29.54 -7.70
C8 OLA T . 5.77 28.06 -8.02
C9 OLA T . 6.01 27.11 -6.88
C10 OLA T . 5.95 25.79 -7.07
C11 OLA T . 5.63 25.16 -8.40
C12 OLA T . 4.58 24.07 -8.21
C13 OLA T . 5.15 22.69 -8.52
C14 OLA T . 4.40 21.61 -7.75
C15 OLA T . 5.20 20.31 -7.72
C16 OLA T . 4.58 19.32 -6.74
C17 OLA T . 3.44 18.54 -7.39
C18 OLA T . 3.95 17.23 -7.96
C1 OLA U . 26.63 20.04 11.17
O1 OLA U . 26.25 21.20 10.85
O2 OLA U . 27.35 19.91 12.18
C2 OLA U . 26.22 18.84 10.32
C3 OLA U . 27.24 17.70 10.45
C4 OLA U . 26.65 16.38 9.99
C5 OLA U . 27.34 15.86 8.72
C6 OLA U . 26.73 14.52 8.30
C7 OLA U . 27.19 14.10 6.90
C8 OLA U . 26.07 13.38 6.17
C9 OLA U . 26.62 12.33 5.24
C1 OLA V . -8.85 33.28 11.90
O1 OLA V . -9.70 33.81 12.65
O2 OLA V . -8.32 33.98 11.00
C2 OLA V . -8.47 31.81 12.05
C3 OLA V . -9.40 30.94 11.22
C4 OLA V . -9.41 29.50 11.71
C5 OLA V . -10.35 28.65 10.86
C6 OLA V . -10.68 27.34 11.57
C7 OLA V . -10.99 26.22 10.57
C8 OLA V . -11.31 24.95 11.32
C9 OLA V . -11.54 23.79 10.39
C10 OLA V . -11.84 22.59 10.88
C11 OLA V . -11.97 22.38 12.38
C12 OLA V . -12.12 20.91 12.72
C13 OLA V . -13.52 20.39 12.34
C14 OLA V . -13.43 19.31 11.25
C15 OLA V . -14.80 19.08 10.61
C16 OLA V . -14.78 17.89 9.67
C17 OLA V . -15.13 16.60 10.39
C18 OLA V . -14.55 15.39 9.68
C1 OLA W . -7.57 34.99 4.17
O1 OLA W . -7.33 35.34 5.35
O2 OLA W . -7.45 35.81 3.24
C2 OLA W . -8.05 33.55 3.88
C3 OLA W . -7.54 33.05 2.53
C4 OLA W . -8.61 32.21 1.83
C5 OLA W . -8.48 30.72 2.15
C6 OLA W . -9.80 30.00 1.95
C7 OLA W . -9.76 29.07 0.74
C8 OLA W . -8.95 27.81 1.04
C9 OLA W . -9.85 26.60 1.09
C10 OLA W . -9.34 25.37 1.03
C11 OLA W . -7.85 25.15 0.89
C12 OLA W . -7.49 23.69 1.14
C13 OLA W . -7.99 22.77 0.03
C14 OLA W . -7.29 21.42 0.11
C15 OLA W . -7.72 20.49 -1.03
C1 OLA X . 0.95 19.04 32.51
O1 OLA X . 1.35 18.84 33.68
O2 OLA X . 1.13 20.18 32.01
C2 OLA X . 0.27 17.93 31.72
C3 OLA X . -0.67 17.12 32.62
C4 OLA X . -1.18 15.89 31.88
C5 OLA X . -1.39 14.74 32.85
C6 OLA X . -1.20 13.41 32.14
C7 OLA X . -2.44 13.07 31.31
C8 OLA X . -2.86 11.62 31.50
C9 OLA X . -2.18 10.74 30.47
C10 OLA X . -2.83 10.11 29.49
C11 OLA X . -4.32 10.24 29.38
C1 OLA Y . 13.94 -8.19 12.66
O1 OLA Y . 13.95 -9.21 13.39
O2 OLA Y . 14.05 -8.33 11.42
C2 OLA Y . 13.78 -6.79 13.28
C3 OLA Y . 14.99 -5.91 12.94
C4 OLA Y . 15.53 -5.20 14.18
C5 OLA Y . 14.57 -4.12 14.67
C6 OLA Y . 15.31 -2.88 15.18
C7 OLA Y . 14.36 -1.89 15.84
C8 OLA Y . 15.07 -0.68 16.40
C9 OLA Y . 14.17 0.01 17.40
C10 OLA Y . 14.61 0.94 18.25
C11 OLA Y . 16.05 1.39 18.29
C12 OLA Y . 16.12 2.90 18.50
C13 OLA Y . 15.92 3.64 17.18
C14 OLA Y . 15.61 5.11 17.42
C15 OLA Y . 16.56 5.99 16.63
C16 OLA Y . 16.28 7.48 16.90
C17 OLA Y . 17.07 7.98 18.11
C18 OLA Y . 16.41 9.21 18.71
C4 OLA Z . -8.24 4.22 -6.56
C5 OLA Z . -6.82 4.66 -6.18
C6 OLA Z . -6.43 4.13 -4.80
C7 OLA Z . -6.64 5.18 -3.72
C8 OLA Z . -5.40 6.05 -3.53
C9 OLA Z . -4.30 5.29 -2.82
C10 OLA Z . -3.09 5.81 -2.64
C11 OLA Z . -2.73 7.19 -3.14
C12 OLA Z . -2.97 8.23 -2.06
C13 OLA Z . -3.85 9.37 -2.57
C14 OLA Z . -3.05 10.32 -3.45
C15 OLA Z . -2.48 11.46 -2.60
C16 OLA Z . -3.51 12.57 -2.40
C17 OLA Z . -2.84 13.93 -2.60
#